data_6A0D
#
_entry.id   6A0D
#
_cell.length_a   137.942
_cell.length_b   137.942
_cell.length_c   111.309
_cell.angle_alpha   90.00
_cell.angle_beta   90.00
_cell.angle_gamma   90.00
#
_symmetry.space_group_name_H-M   'I 4 2 2'
#
loop_
_entity.id
_entity.type
_entity.pdbx_description
1 polymer '4-hydroxymandelate oxidase'
2 non-polymer 'FLAVIN MONONUCLEOTIDE'
3 non-polymer '(2~{S})-2-phenylpropanoic acid'
4 water water
#
_entity_poly.entity_id   1
_entity_poly.type   'polypeptide(L)'
_entity_poly.pdbx_seq_one_letter_code
;MGSSHHHHHHSSGLVPRGSHMTYVSLADLERAARDVLPGEIFDFLAGGSGTEASLVANRTALERVFVIPRMLRDLTDVTT
EIDIFGRRAALPMAVAPVAYQRLFHPEGELAVARAARDAGVPYTICTLSSVSLEEIAAVGGRPWFQLFWLRDEKRSLDLV
RRAEDAGCEAIVFTVDVPWMGRRLRDMRNGFALPEWVTAANFDAGTAAHRRTQGVSAVADHTAREFAPATWESVEAVRAH
TDLPVVLKGILAVEDARRAVDAGAGGIVVSNHGGRQLDGAVPGIEMLGEIVAAVSGGCEVLVDGGIRSGGDVLKATALGA
SAVLVGRPVMWALAAAGQDGVRQLLELLAEEVRDAMGLAGCESVGAARRLNTKLGVV
;
_entity_poly.pdbx_strand_id   A
#
loop_
_chem_comp.id
_chem_comp.type
_chem_comp.name
_chem_comp.formula
9RW non-polymer '(2~{S})-2-phenylpropanoic acid' 'C9 H10 O2'
FMN non-polymer 'FLAVIN MONONUCLEOTIDE' 'C17 H21 N4 O9 P'
#
# COMPACT_ATOMS: atom_id res chain seq x y z
N LEU A 26 13.32 -7.15 -0.86
CA LEU A 26 14.48 -8.00 -0.49
C LEU A 26 15.33 -7.25 0.49
N ALA A 27 16.00 -8.01 1.37
CA ALA A 27 16.80 -7.45 2.46
C ALA A 27 18.13 -6.87 2.01
N ASP A 28 18.59 -7.27 0.84
CA ASP A 28 19.84 -6.67 0.31
C ASP A 28 19.68 -5.14 0.20
N LEU A 29 18.57 -4.74 -0.44
CA LEU A 29 18.23 -3.34 -0.63
C LEU A 29 18.18 -2.58 0.67
N GLU A 30 17.70 -3.16 1.78
CA GLU A 30 17.63 -2.36 2.99
C GLU A 30 19.02 -1.82 3.40
N ARG A 31 20.06 -2.65 3.26
CA ARG A 31 21.40 -2.28 3.78
C ARG A 31 21.99 -1.16 2.93
N ALA A 32 21.94 -1.39 1.63
CA ALA A 32 22.24 -0.37 0.61
C ALA A 32 21.58 0.98 0.92
N ALA A 33 20.28 0.99 1.24
CA ALA A 33 19.63 2.25 1.61
C ALA A 33 20.17 2.85 2.90
N ARG A 34 20.51 2.01 3.88
CA ARG A 34 21.05 2.52 5.17
C ARG A 34 22.40 3.25 4.95
N ASP A 35 23.24 2.62 4.14
CA ASP A 35 24.53 3.20 3.69
C ASP A 35 24.42 4.58 3.05
N VAL A 36 23.47 4.75 2.13
CA VAL A 36 23.39 5.98 1.37
C VAL A 36 22.63 7.08 2.11
N LEU A 37 21.59 6.75 2.90
CA LEU A 37 20.77 7.83 3.41
C LEU A 37 21.34 8.43 4.67
N PRO A 38 21.11 9.71 4.89
CA PRO A 38 21.38 10.24 6.21
C PRO A 38 20.60 9.43 7.27
N GLY A 39 21.24 9.11 8.38
CA GLY A 39 20.57 8.49 9.54
C GLY A 39 19.17 8.97 9.89
N GLU A 40 18.96 10.27 10.03
CA GLU A 40 17.65 10.78 10.42
C GLU A 40 16.57 10.49 9.36
N ILE A 41 16.96 10.45 8.09
CA ILE A 41 16.02 10.12 7.02
C ILE A 41 15.75 8.62 6.98
N PHE A 42 16.79 7.82 7.09
CA PHE A 42 16.60 6.39 7.24
C PHE A 42 15.62 6.09 8.42
N ASP A 43 15.73 6.85 9.51
CA ASP A 43 14.78 6.69 10.64
C ASP A 43 13.38 7.15 10.37
N PHE A 44 13.17 8.28 9.68
CA PHE A 44 11.84 8.72 9.31
C PHE A 44 11.22 7.51 8.55
N LEU A 45 12.00 6.89 7.67
CA LEU A 45 11.48 5.76 6.83
C LEU A 45 11.21 4.48 7.62
N ALA A 46 12.15 4.02 8.42
CA ALA A 46 12.09 2.72 9.07
C ALA A 46 11.18 2.69 10.30
N GLY A 47 11.03 3.84 10.94
CA GLY A 47 10.45 3.91 12.27
C GLY A 47 8.95 3.62 12.36
N GLY A 48 8.53 3.31 13.59
CA GLY A 48 7.09 3.24 13.95
C GLY A 48 6.78 4.15 15.09
N SER A 49 5.54 4.15 15.53
CA SER A 49 5.17 4.97 16.70
C SER A 49 5.49 4.21 18.01
N GLY A 50 5.58 4.98 19.08
CA GLY A 50 5.69 4.37 20.39
C GLY A 50 6.87 3.49 20.58
N THR A 51 6.63 2.29 21.09
CA THR A 51 7.64 1.26 21.27
C THR A 51 7.89 0.37 20.02
N GLU A 52 7.22 0.69 18.91
CA GLU A 52 7.34 0.00 17.64
C GLU A 52 6.75 -1.42 17.76
N ALA A 53 5.82 -1.62 18.71
CA ALA A 53 5.20 -2.94 18.89
C ALA A 53 4.43 -3.36 17.61
N SER A 54 3.73 -2.42 17.01
CA SER A 54 2.88 -2.74 15.85
C SER A 54 3.75 -2.96 14.60
N LEU A 55 4.83 -2.19 14.53
CA LEU A 55 5.84 -2.38 13.47
C LEU A 55 6.45 -3.75 13.45
N VAL A 56 6.90 -4.23 14.61
CA VAL A 56 7.43 -5.58 14.75
C VAL A 56 6.35 -6.65 14.51
N ALA A 57 5.12 -6.38 15.00
CA ALA A 57 4.06 -7.37 14.87
C ALA A 57 3.62 -7.61 13.43
N ASN A 58 3.78 -6.61 12.58
CA ASN A 58 3.48 -6.80 11.15
C ASN A 58 4.36 -7.91 10.61
N ARG A 59 5.63 -7.93 10.97
CA ARG A 59 6.51 -9.01 10.55
C ARG A 59 6.25 -10.32 11.19
N THR A 60 6.06 -10.30 12.50
N THR A 60 6.06 -10.32 12.51
CA THR A 60 5.73 -11.53 13.23
CA THR A 60 5.80 -11.58 13.20
C THR A 60 4.53 -12.22 12.69
C THR A 60 4.49 -12.25 12.77
N ALA A 61 3.48 -11.44 12.38
CA ALA A 61 2.26 -11.98 11.87
C ALA A 61 2.46 -12.73 10.58
N LEU A 62 3.22 -12.18 9.64
CA LEU A 62 3.47 -12.87 8.41
C LEU A 62 4.31 -14.09 8.60
N GLU A 63 5.28 -14.01 9.49
CA GLU A 63 6.17 -15.14 9.73
C GLU A 63 5.48 -16.34 10.34
N ARG A 64 4.36 -16.12 11.06
CA ARG A 64 3.68 -17.23 11.64
C ARG A 64 2.69 -17.91 10.70
N VAL A 65 2.44 -17.31 9.54
CA VAL A 65 1.50 -17.88 8.57
C VAL A 65 2.26 -18.90 7.68
N PHE A 66 1.74 -20.11 7.57
CA PHE A 66 2.28 -21.08 6.67
C PHE A 66 1.24 -21.44 5.62
N VAL A 67 1.66 -21.59 4.38
CA VAL A 67 0.76 -21.98 3.29
C VAL A 67 0.70 -23.49 3.14
N ILE A 68 -0.46 -24.02 2.82
CA ILE A 68 -0.61 -25.44 2.46
C ILE A 68 -0.66 -25.49 0.94
N PRO A 69 0.47 -25.80 0.25
CA PRO A 69 0.50 -25.78 -1.21
C PRO A 69 -0.25 -26.95 -1.82
N ARG A 70 -0.77 -26.77 -2.99
CA ARG A 70 -1.36 -27.81 -3.75
C ARG A 70 -0.43 -28.32 -4.83
N MET A 71 -0.56 -29.58 -5.18
CA MET A 71 0.36 -30.18 -6.16
C MET A 71 -0.40 -30.65 -7.40
N LEU A 72 0.37 -30.86 -8.48
CA LEU A 72 -0.05 -31.64 -9.64
C LEU A 72 -1.14 -30.94 -10.44
N ARG A 73 -1.20 -29.60 -10.32
CA ARG A 73 -2.15 -28.79 -11.11
C ARG A 73 -1.50 -28.29 -12.37
N ASP A 74 -2.31 -27.96 -13.35
CA ASP A 74 -1.79 -27.39 -14.60
C ASP A 74 -1.20 -26.01 -14.36
N LEU A 75 0.03 -25.83 -14.76
CA LEU A 75 0.74 -24.61 -14.60
C LEU A 75 1.22 -24.18 -15.97
N THR A 76 0.51 -24.55 -17.03
CA THR A 76 1.07 -24.23 -18.39
C THR A 76 1.08 -22.73 -18.66
N ASP A 77 0.12 -22.03 -18.07
CA ASP A 77 -0.04 -20.59 -18.26
C ASP A 77 -0.21 -19.84 -16.92
N VAL A 78 0.79 -19.90 -16.06
CA VAL A 78 0.65 -19.24 -14.75
C VAL A 78 0.63 -17.74 -15.05
N THR A 79 -0.31 -17.05 -14.46
CA THR A 79 -0.40 -15.60 -14.60
C THR A 79 -0.53 -14.97 -13.22
N THR A 80 0.24 -13.93 -13.00
CA THR A 80 0.11 -13.12 -11.78
C THR A 80 -0.80 -11.91 -11.93
N GLU A 81 -1.46 -11.75 -13.07
CA GLU A 81 -2.30 -10.58 -13.33
C GLU A 81 -3.58 -10.60 -12.57
N ILE A 82 -4.06 -9.42 -12.24
CA ILE A 82 -5.36 -9.29 -11.65
C ILE A 82 -6.11 -8.13 -12.37
N ASP A 83 -7.39 -8.07 -12.18
CA ASP A 83 -8.16 -6.86 -12.52
C ASP A 83 -8.58 -6.22 -11.25
N ILE A 84 -8.32 -4.94 -11.14
CA ILE A 84 -8.74 -4.20 -9.97
C ILE A 84 -9.13 -2.76 -10.34
N PHE A 85 -10.26 -2.29 -9.82
CA PHE A 85 -10.69 -0.86 -10.02
C PHE A 85 -10.67 -0.56 -11.50
N GLY A 86 -11.21 -1.51 -12.28
CA GLY A 86 -11.39 -1.38 -13.71
C GLY A 86 -10.24 -1.72 -14.62
N ARG A 87 -9.07 -2.02 -14.07
CA ARG A 87 -7.93 -2.14 -14.92
C ARG A 87 -7.11 -3.35 -14.57
N ARG A 88 -6.37 -3.83 -15.54
CA ARG A 88 -5.43 -4.91 -15.33
C ARG A 88 -4.22 -4.42 -14.59
N ALA A 89 -3.71 -5.22 -13.67
CA ALA A 89 -2.42 -4.97 -13.05
C ALA A 89 -1.57 -6.20 -13.27
N ALA A 90 -0.25 -6.04 -13.38
CA ALA A 90 0.64 -7.16 -13.69
C ALA A 90 0.84 -8.14 -12.54
N LEU A 91 0.62 -7.66 -11.32
CA LEU A 91 0.83 -8.39 -10.06
C LEU A 91 -0.29 -7.97 -9.14
N PRO A 92 -0.56 -8.76 -8.10
CA PRO A 92 -1.54 -8.32 -7.11
C PRO A 92 -0.92 -7.41 -6.05
N MET A 93 -0.42 -6.28 -6.52
CA MET A 93 0.37 -5.39 -5.73
C MET A 93 0.35 -3.99 -6.30
N ALA A 94 0.36 -3.00 -5.41
CA ALA A 94 0.52 -1.59 -5.77
C ALA A 94 1.54 -0.96 -4.84
N VAL A 95 2.17 0.12 -5.31
CA VAL A 95 3.06 0.90 -4.47
C VAL A 95 2.25 1.73 -3.45
N ALA A 96 2.53 1.51 -2.15
CA ALA A 96 1.76 2.22 -1.11
C ALA A 96 2.05 3.73 -1.18
N PRO A 97 1.14 4.54 -0.71
CA PRO A 97 1.41 5.95 -0.52
C PRO A 97 2.51 6.18 0.48
N VAL A 98 3.62 6.87 0.12
CA VAL A 98 4.67 7.25 1.05
C VAL A 98 5.00 8.72 0.80
N ALA A 99 4.74 9.58 1.75
CA ALA A 99 4.93 11.04 1.56
C ALA A 99 6.40 11.39 1.26
N TYR A 100 6.58 12.49 0.50
CA TYR A 100 7.89 13.19 0.42
C TYR A 100 9.06 12.33 -0.09
N GLN A 101 8.86 11.69 -1.26
CA GLN A 101 9.80 10.72 -1.75
C GLN A 101 11.16 11.35 -2.23
N ARG A 102 11.15 12.65 -2.43
CA ARG A 102 12.44 13.37 -2.65
C ARG A 102 13.35 13.32 -1.47
N LEU A 103 12.82 12.95 -0.29
CA LEU A 103 13.69 12.71 0.81
C LEU A 103 14.70 11.62 0.51
N PHE A 104 14.32 10.64 -0.31
CA PHE A 104 15.12 9.44 -0.56
C PHE A 104 16.02 9.43 -1.81
N HIS A 105 15.61 10.22 -2.77
CA HIS A 105 16.35 10.33 -4.04
C HIS A 105 15.91 11.58 -4.72
N PRO A 106 16.82 12.22 -5.50
CA PRO A 106 16.37 13.48 -6.10
C PRO A 106 15.24 13.46 -7.10
N GLU A 107 15.02 12.34 -7.78
CA GLU A 107 13.92 12.20 -8.70
C GLU A 107 12.57 11.82 -7.99
N GLY A 108 12.72 11.45 -6.74
CA GLY A 108 11.51 11.23 -5.87
C GLY A 108 10.44 10.43 -6.57
N GLU A 109 9.23 10.94 -6.49
CA GLU A 109 8.04 10.26 -6.99
C GLU A 109 8.10 9.98 -8.47
N LEU A 110 8.83 10.81 -9.28
CA LEU A 110 8.87 10.47 -10.66
C LEU A 110 9.63 9.21 -10.97
N ALA A 111 10.72 8.92 -10.30
CA ALA A 111 11.47 7.68 -10.43
C ALA A 111 10.62 6.44 -10.07
N VAL A 112 9.92 6.57 -8.95
CA VAL A 112 9.10 5.43 -8.54
C VAL A 112 7.95 5.23 -9.49
N ALA A 113 7.23 6.28 -9.89
CA ALA A 113 6.09 6.15 -10.75
C ALA A 113 6.47 5.57 -12.13
N ARG A 114 7.62 6.04 -12.67
CA ARG A 114 8.11 5.46 -13.89
C ARG A 114 8.39 3.95 -13.83
N ALA A 115 9.06 3.51 -12.80
CA ALA A 115 9.34 2.07 -12.58
C ALA A 115 8.05 1.28 -12.42
N ALA A 116 7.10 1.85 -11.64
CA ALA A 116 5.82 1.19 -11.47
C ALA A 116 5.07 1.04 -12.77
N ARG A 117 5.00 2.12 -13.55
CA ARG A 117 4.39 2.06 -14.86
C ARG A 117 4.97 0.96 -15.70
N ASP A 118 6.30 0.93 -15.70
CA ASP A 118 6.96 -0.02 -16.63
C ASP A 118 6.74 -1.45 -16.17
N ALA A 119 6.51 -1.63 -14.86
CA ALA A 119 6.23 -2.98 -14.30
C ALA A 119 4.80 -3.37 -14.34
N GLY A 120 3.91 -2.46 -14.71
CA GLY A 120 2.52 -2.73 -14.74
C GLY A 120 1.88 -2.76 -13.34
N VAL A 121 2.45 -2.02 -12.42
CA VAL A 121 2.00 -1.97 -10.99
CA VAL A 121 1.77 -1.98 -11.13
C VAL A 121 1.35 -0.60 -10.75
N PRO A 122 0.14 -0.49 -10.15
CA PRO A 122 -0.33 0.78 -9.78
C PRO A 122 0.55 1.50 -8.80
N TYR A 123 0.64 2.83 -8.97
CA TYR A 123 1.41 3.69 -8.12
C TYR A 123 0.46 4.65 -7.34
N THR A 124 0.52 4.73 -6.03
CA THR A 124 -0.33 5.68 -5.29
C THR A 124 0.36 7.04 -5.07
N ILE A 125 -0.16 8.04 -5.77
CA ILE A 125 0.29 9.44 -5.59
C ILE A 125 -0.21 9.98 -4.24
N CYS A 126 0.66 10.50 -3.45
CA CYS A 126 0.27 11.07 -2.14
C CYS A 126 -0.20 12.50 -2.15
N THR A 127 -1.13 12.79 -1.26
CA THR A 127 -1.47 14.18 -0.94
C THR A 127 -0.21 14.95 -0.56
N LEU A 128 0.73 14.38 0.16
CA LEU A 128 1.97 15.04 0.59
C LEU A 128 3.12 14.65 -0.32
N SER A 129 2.85 14.61 -1.61
CA SER A 129 3.92 14.25 -2.59
C SER A 129 4.87 15.50 -2.74
N SER A 130 6.13 15.18 -2.97
CA SER A 130 7.17 16.24 -3.16
C SER A 130 7.31 16.62 -4.61
N VAL A 131 6.53 16.03 -5.49
CA VAL A 131 6.33 16.48 -6.87
C VAL A 131 4.84 16.56 -7.04
N SER A 132 4.34 17.49 -7.84
CA SER A 132 2.93 17.69 -7.98
C SER A 132 2.21 16.49 -8.55
N LEU A 133 0.99 16.23 -8.09
CA LEU A 133 0.19 15.11 -8.57
C LEU A 133 -0.01 15.08 -10.09
N GLU A 134 -0.09 16.26 -10.73
CA GLU A 134 -0.28 16.29 -12.16
C GLU A 134 1.00 15.83 -12.89
N GLU A 135 2.15 16.24 -12.38
CA GLU A 135 3.42 15.77 -12.95
C GLU A 135 3.58 14.24 -12.82
N ILE A 136 3.24 13.71 -11.62
CA ILE A 136 3.39 12.31 -11.51
C ILE A 136 2.40 11.56 -12.34
N ALA A 137 1.15 12.01 -12.43
CA ALA A 137 0.20 11.37 -13.29
C ALA A 137 0.60 11.35 -14.78
N ALA A 138 1.27 12.43 -15.15
CA ALA A 138 1.73 12.53 -16.57
C ALA A 138 2.70 11.47 -16.97
N VAL A 139 3.40 10.87 -16.01
CA VAL A 139 4.22 9.70 -16.27
C VAL A 139 3.47 8.59 -16.97
N GLY A 140 2.19 8.47 -16.69
CA GLY A 140 1.38 7.42 -17.29
C GLY A 140 1.14 6.30 -16.30
N GLY A 141 0.92 5.11 -16.82
CA GLY A 141 0.72 3.95 -15.95
C GLY A 141 -0.65 3.97 -15.36
N ARG A 142 -0.76 3.41 -14.13
CA ARG A 142 -2.06 3.35 -13.46
C ARG A 142 -2.03 4.12 -12.13
N PRO A 143 -2.07 5.46 -12.16
CA PRO A 143 -1.89 6.18 -10.93
C PRO A 143 -3.21 6.18 -10.11
N TRP A 144 -3.04 5.92 -8.82
CA TRP A 144 -4.12 6.18 -7.83
C TRP A 144 -3.74 7.39 -7.07
N PHE A 145 -4.70 8.01 -6.36
CA PHE A 145 -4.44 9.18 -5.58
C PHE A 145 -4.86 8.99 -4.08
N GLN A 146 -3.92 9.18 -3.16
CA GLN A 146 -4.19 9.08 -1.73
C GLN A 146 -4.59 10.43 -1.20
N LEU A 147 -5.71 10.46 -0.50
CA LEU A 147 -6.28 11.68 0.08
C LEU A 147 -6.10 11.72 1.58
N PHE A 148 -5.63 12.84 2.13
CA PHE A 148 -5.76 13.26 3.50
C PHE A 148 -6.84 14.34 3.55
N TRP A 149 -7.75 14.20 4.50
CA TRP A 149 -8.81 15.17 4.61
C TRP A 149 -8.29 16.52 5.15
N LEU A 150 -8.66 17.59 4.43
CA LEU A 150 -8.24 18.93 4.80
C LEU A 150 -9.36 19.53 5.73
N ARG A 151 -8.98 20.37 6.69
CA ARG A 151 -9.99 21.29 7.31
C ARG A 151 -10.40 22.12 6.12
N ASP A 152 -11.67 21.97 5.73
CA ASP A 152 -12.20 22.57 4.49
C ASP A 152 -12.61 21.52 3.46
N GLU A 153 -13.84 21.02 3.64
CA GLU A 153 -14.43 20.15 2.67
C GLU A 153 -14.15 20.58 1.17
N LYS A 154 -14.11 21.88 0.87
CA LYS A 154 -13.92 22.34 -0.51
C LYS A 154 -12.53 22.09 -1.06
N ARG A 155 -11.50 22.31 -0.27
CA ARG A 155 -10.18 22.03 -0.71
C ARG A 155 -9.97 20.51 -0.87
N SER A 156 -10.59 19.74 0.03
CA SER A 156 -10.45 18.29 -0.04
C SER A 156 -11.03 17.81 -1.35
N LEU A 157 -12.22 18.27 -1.65
CA LEU A 157 -12.91 17.87 -2.80
C LEU A 157 -12.17 18.41 -4.05
N ASP A 158 -11.40 19.53 -3.91
CA ASP A 158 -10.56 20.07 -5.02
CA ASP A 158 -10.67 20.04 -5.07
C ASP A 158 -9.44 19.15 -5.37
N LEU A 159 -8.81 18.59 -4.34
CA LEU A 159 -7.73 17.68 -4.53
C LEU A 159 -8.28 16.48 -5.26
N VAL A 160 -9.44 16.01 -4.83
CA VAL A 160 -10.02 14.86 -5.47
C VAL A 160 -10.28 15.15 -6.95
N ARG A 161 -10.88 16.29 -7.21
CA ARG A 161 -11.19 16.68 -8.60
C ARG A 161 -9.89 16.81 -9.44
N ARG A 162 -8.87 17.37 -8.86
CA ARG A 162 -7.58 17.45 -9.55
C ARG A 162 -7.09 16.11 -9.91
N ALA A 163 -7.18 15.16 -8.95
CA ALA A 163 -6.67 13.84 -9.23
C ALA A 163 -7.44 13.18 -10.33
N GLU A 164 -8.75 13.33 -10.32
CA GLU A 164 -9.59 12.73 -11.29
C GLU A 164 -9.29 13.37 -12.72
N ASP A 165 -9.20 14.68 -12.73
CA ASP A 165 -8.90 15.39 -14.01
C ASP A 165 -7.56 14.93 -14.55
N ALA A 166 -6.60 14.62 -13.68
CA ALA A 166 -5.27 14.13 -14.14
C ALA A 166 -5.18 12.70 -14.56
N GLY A 167 -6.26 11.93 -14.43
CA GLY A 167 -6.34 10.55 -14.85
C GLY A 167 -6.06 9.48 -13.78
N CYS A 168 -6.10 9.91 -12.53
CA CYS A 168 -5.97 8.90 -11.44
C CYS A 168 -7.21 8.03 -11.50
N GLU A 169 -7.07 6.77 -11.10
CA GLU A 169 -8.07 5.74 -11.35
C GLU A 169 -8.82 5.34 -10.08
N ALA A 170 -8.31 5.80 -8.95
CA ALA A 170 -8.94 5.46 -7.63
C ALA A 170 -8.54 6.50 -6.62
N ILE A 171 -9.40 6.73 -5.60
CA ILE A 171 -9.07 7.61 -4.53
C ILE A 171 -8.83 6.74 -3.29
N VAL A 172 -7.64 6.76 -2.77
CA VAL A 172 -7.25 5.97 -1.58
C VAL A 172 -7.38 6.94 -0.45
N PHE A 173 -8.52 6.92 0.25
CA PHE A 173 -8.77 7.83 1.37
C PHE A 173 -8.12 7.27 2.64
N THR A 174 -7.10 7.90 3.17
CA THR A 174 -6.45 7.43 4.39
C THR A 174 -7.34 7.83 5.54
N VAL A 175 -7.77 6.81 6.33
CA VAL A 175 -8.77 7.07 7.37
C VAL A 175 -8.21 6.80 8.75
N ASP A 176 -6.92 6.50 8.90
CA ASP A 176 -6.28 6.18 10.16
C ASP A 176 -5.41 7.25 10.76
N VAL A 177 -5.53 8.49 10.22
CA VAL A 177 -4.69 9.57 10.63
C VAL A 177 -5.56 10.74 10.98
N PRO A 178 -6.31 10.66 12.10
CA PRO A 178 -7.02 11.90 12.55
C PRO A 178 -6.04 12.99 12.88
N TRP A 179 -4.87 12.56 13.32
CA TRP A 179 -3.63 13.33 13.40
C TRP A 179 -2.50 12.32 13.33
N MET A 180 -1.25 12.77 13.14
CA MET A 180 -0.10 11.82 13.12
C MET A 180 0.23 11.12 14.43
N GLY A 181 0.65 9.86 14.35
CA GLY A 181 1.24 9.13 15.47
C GLY A 181 2.51 9.77 16.03
N ARG A 182 2.86 9.39 17.26
N ARG A 182 2.86 9.36 17.26
CA ARG A 182 4.06 9.91 17.94
CA ARG A 182 4.07 9.83 17.93
C ARG A 182 5.27 9.04 17.54
C ARG A 182 5.27 9.00 17.51
N ARG A 183 6.06 9.52 16.59
CA ARG A 183 7.26 8.81 16.10
C ARG A 183 8.44 9.23 16.92
N LEU A 184 8.82 8.39 17.87
CA LEU A 184 9.86 8.76 18.85
C LEU A 184 11.22 8.93 18.19
N ARG A 185 11.51 8.11 17.16
CA ARG A 185 12.77 8.34 16.39
C ARG A 185 12.82 9.79 15.92
N ASP A 186 11.73 10.27 15.30
CA ASP A 186 11.72 11.63 14.71
C ASP A 186 11.82 12.75 15.77
N MET A 187 11.14 12.51 16.90
CA MET A 187 11.21 13.45 18.03
C MET A 187 12.64 13.45 18.59
N ARG A 188 13.24 12.28 18.72
CA ARG A 188 14.62 12.17 19.23
C ARG A 188 15.61 12.85 18.32
N ASN A 189 15.42 12.71 17.00
CA ASN A 189 16.31 13.31 16.01
C ASN A 189 16.04 14.82 15.84
N GLY A 190 14.93 15.29 16.38
CA GLY A 190 14.35 16.57 15.98
C GLY A 190 14.29 16.63 14.46
N PHE A 191 13.67 15.62 13.83
CA PHE A 191 13.61 15.50 12.37
C PHE A 191 12.65 16.53 11.77
N ALA A 192 13.07 17.14 10.67
CA ALA A 192 12.26 18.15 10.01
C ALA A 192 12.51 18.04 8.53
N LEU A 193 11.57 18.51 7.70
CA LEU A 193 11.75 18.47 6.27
C LEU A 193 12.87 19.42 5.86
N PRO A 194 13.88 18.90 5.17
CA PRO A 194 14.78 19.80 4.48
C PRO A 194 14.00 20.85 3.71
N GLU A 195 14.53 22.06 3.66
CA GLU A 195 13.85 23.11 2.91
C GLU A 195 13.80 22.80 1.40
N TRP A 196 14.65 21.91 0.90
CA TRP A 196 14.56 21.47 -0.52
C TRP A 196 13.43 20.40 -0.80
N VAL A 197 12.72 19.94 0.23
CA VAL A 197 11.52 19.10 0.04
C VAL A 197 10.28 19.88 0.48
N THR A 198 9.26 19.98 -0.38
CA THR A 198 8.04 20.64 -0.02
C THR A 198 6.82 19.77 -0.40
N ALA A 199 5.67 20.15 0.13
CA ALA A 199 4.39 19.56 -0.27
C ALA A 199 3.92 20.21 -1.57
N ALA A 200 4.35 19.60 -2.67
CA ALA A 200 4.14 20.18 -4.00
C ALA A 200 2.73 20.37 -4.45
N ASN A 201 1.74 19.73 -3.79
CA ASN A 201 0.39 19.90 -4.19
C ASN A 201 -0.26 21.15 -3.61
N PHE A 202 0.46 21.86 -2.76
CA PHE A 202 -0.11 23.06 -2.06
C PHE A 202 0.59 24.40 -2.47
N PHE A 226 -5.22 20.40 7.82
CA PHE A 226 -5.74 19.05 7.88
C PHE A 226 -6.74 18.88 9.04
N ALA A 227 -7.68 17.93 8.88
CA ALA A 227 -8.68 17.65 9.91
C ALA A 227 -9.04 16.17 9.96
N PRO A 228 -9.52 15.67 11.12
CA PRO A 228 -9.95 14.28 11.16
C PRO A 228 -11.12 13.95 10.18
N ALA A 229 -11.00 12.86 9.43
CA ALA A 229 -12.07 12.44 8.57
C ALA A 229 -13.11 11.65 9.36
N THR A 230 -14.34 11.73 8.92
CA THR A 230 -15.48 10.96 9.43
C THR A 230 -16.20 10.23 8.30
N TRP A 231 -17.22 9.46 8.63
CA TRP A 231 -18.05 8.87 7.64
C TRP A 231 -18.75 9.88 6.76
N GLU A 232 -19.03 11.09 7.30
CA GLU A 232 -19.63 12.11 6.47
CA GLU A 232 -19.61 12.15 6.52
C GLU A 232 -18.62 12.57 5.40
N SER A 233 -17.36 12.54 5.73
CA SER A 233 -16.29 12.93 4.78
C SER A 233 -16.22 11.93 3.63
N VAL A 234 -16.32 10.66 3.97
CA VAL A 234 -16.38 9.59 2.98
C VAL A 234 -17.50 9.77 2.02
N GLU A 235 -18.68 10.12 2.56
CA GLU A 235 -19.82 10.31 1.72
C GLU A 235 -19.60 11.51 0.78
N ALA A 236 -18.98 12.56 1.28
CA ALA A 236 -18.78 13.75 0.45
C ALA A 236 -17.85 13.41 -0.70
N VAL A 237 -16.85 12.59 -0.42
CA VAL A 237 -15.93 12.18 -1.49
C VAL A 237 -16.67 11.29 -2.48
N ARG A 238 -17.43 10.31 -2.02
CA ARG A 238 -18.18 9.36 -2.86
C ARG A 238 -19.15 10.07 -3.75
N ALA A 239 -19.79 11.10 -3.22
CA ALA A 239 -20.77 11.88 -3.99
C ALA A 239 -20.12 12.76 -5.04
N HIS A 240 -18.86 13.07 -4.91
CA HIS A 240 -18.17 13.95 -5.82
C HIS A 240 -17.25 13.34 -6.86
N THR A 241 -17.23 12.02 -6.92
CA THR A 241 -16.36 11.37 -7.90
C THR A 241 -17.06 10.12 -8.38
N ASP A 242 -16.73 9.73 -9.63
CA ASP A 242 -17.09 8.47 -10.12
C ASP A 242 -15.98 7.43 -9.91
N LEU A 243 -14.83 7.83 -9.38
CA LEU A 243 -13.74 6.87 -9.20
C LEU A 243 -14.08 6.01 -7.98
N PRO A 244 -13.62 4.77 -7.96
CA PRO A 244 -13.69 3.97 -6.72
C PRO A 244 -12.98 4.63 -5.57
N VAL A 245 -13.64 4.65 -4.38
CA VAL A 245 -13.08 5.17 -3.20
C VAL A 245 -12.65 3.99 -2.33
N VAL A 246 -11.41 4.03 -1.93
CA VAL A 246 -10.79 2.94 -1.19
C VAL A 246 -10.34 3.43 0.17
N LEU A 247 -10.88 2.86 1.28
CA LEU A 247 -10.59 3.39 2.54
C LEU A 247 -9.38 2.64 3.10
N LYS A 248 -8.31 3.38 3.41
CA LYS A 248 -7.05 2.81 3.82
C LYS A 248 -6.85 3.02 5.30
N GLY A 249 -6.68 1.92 6.04
CA GLY A 249 -6.42 1.94 7.47
C GLY A 249 -7.57 1.32 8.26
N ILE A 250 -8.33 0.45 7.65
CA ILE A 250 -9.42 -0.27 8.34
C ILE A 250 -8.88 -1.50 9.02
N LEU A 251 -9.27 -1.72 10.31
CA LEU A 251 -8.89 -2.89 11.04
C LEU A 251 -10.09 -3.59 11.69
N ALA A 252 -11.11 -2.85 12.08
CA ALA A 252 -12.27 -3.52 12.72
C ALA A 252 -13.18 -4.11 11.68
N VAL A 253 -13.73 -5.29 11.97
CA VAL A 253 -14.67 -5.90 11.09
C VAL A 253 -15.88 -5.07 10.80
N GLU A 254 -16.45 -4.42 11.88
CA GLU A 254 -17.60 -3.59 11.62
C GLU A 254 -17.31 -2.33 10.76
N ASP A 255 -16.10 -1.83 10.83
CA ASP A 255 -15.70 -0.74 9.93
C ASP A 255 -15.55 -1.25 8.46
N ALA A 256 -15.10 -2.47 8.23
CA ALA A 256 -15.03 -3.01 6.89
C ALA A 256 -16.43 -3.14 6.35
N ARG A 257 -17.38 -3.68 7.20
CA ARG A 257 -18.76 -3.78 6.73
CA ARG A 257 -18.73 -3.83 6.72
C ARG A 257 -19.38 -2.46 6.43
N ARG A 258 -19.16 -1.46 7.29
CA ARG A 258 -19.70 -0.14 7.07
C ARG A 258 -19.09 0.55 5.85
N ALA A 259 -17.81 0.23 5.58
CA ALA A 259 -17.18 0.72 4.33
C ALA A 259 -17.93 0.25 3.13
N VAL A 260 -18.36 -1.02 3.09
CA VAL A 260 -19.13 -1.51 1.97
C VAL A 260 -20.44 -0.77 1.87
N ASP A 261 -21.11 -0.70 3.02
CA ASP A 261 -22.41 0.00 3.12
C ASP A 261 -22.32 1.43 2.66
N ALA A 262 -21.21 2.09 2.93
CA ALA A 262 -20.89 3.45 2.52
C ALA A 262 -20.57 3.64 1.03
N GLY A 263 -20.46 2.57 0.28
CA GLY A 263 -20.22 2.62 -1.15
C GLY A 263 -18.72 2.61 -1.53
N ALA A 264 -17.86 2.25 -0.59
CA ALA A 264 -16.44 2.06 -0.95
C ALA A 264 -16.30 0.98 -1.97
N GLY A 265 -15.37 1.20 -2.89
CA GLY A 265 -14.97 0.15 -3.81
C GLY A 265 -13.88 -0.77 -3.35
N GLY A 266 -13.24 -0.36 -2.29
CA GLY A 266 -12.21 -1.16 -1.62
C GLY A 266 -11.85 -0.68 -0.25
N ILE A 267 -11.09 -1.53 0.49
CA ILE A 267 -10.46 -1.10 1.72
C ILE A 267 -9.04 -1.60 1.72
N VAL A 268 -8.20 -0.96 2.49
CA VAL A 268 -6.87 -1.48 2.75
C VAL A 268 -6.78 -1.75 4.25
N VAL A 269 -6.71 -3.03 4.58
CA VAL A 269 -6.57 -3.51 5.93
C VAL A 269 -5.12 -3.31 6.38
N SER A 270 -4.97 -2.40 7.35
CA SER A 270 -3.71 -1.77 7.63
C SER A 270 -3.59 -1.10 8.93
N ASN A 271 -2.45 -1.21 9.58
CA ASN A 271 -2.12 -0.42 10.78
C ASN A 271 -1.09 0.68 10.44
N HIS A 272 -1.04 1.04 9.18
CA HIS A 272 -0.23 2.18 8.70
C HIS A 272 1.24 1.88 8.95
N GLY A 273 1.63 0.64 8.76
CA GLY A 273 3.02 0.25 8.90
C GLY A 273 3.59 0.42 10.30
N GLY A 274 2.69 0.35 11.31
CA GLY A 274 3.09 0.52 12.69
C GLY A 274 3.40 1.95 13.09
N ARG A 275 2.94 2.90 12.27
CA ARG A 275 3.27 4.34 12.47
C ARG A 275 2.17 5.18 13.10
N GLN A 276 1.01 4.57 13.34
CA GLN A 276 -0.10 5.30 13.90
C GLN A 276 -0.34 4.84 15.32
N LEU A 277 -1.38 4.08 15.58
CA LEU A 277 -1.51 3.59 17.00
C LEU A 277 -0.51 2.48 17.30
N ASP A 278 0.37 2.65 18.29
CA ASP A 278 1.23 1.62 18.72
C ASP A 278 0.45 0.63 19.60
N GLY A 279 0.40 -0.60 19.16
CA GLY A 279 -0.53 -1.56 19.76
C GLY A 279 -1.72 -1.89 18.92
N ALA A 280 -1.86 -1.25 17.78
CA ALA A 280 -2.86 -1.64 16.82
C ALA A 280 -2.49 -2.99 16.26
N VAL A 281 -3.49 -3.88 16.17
CA VAL A 281 -3.33 -5.17 15.54
C VAL A 281 -2.80 -5.05 14.11
N PRO A 282 -1.96 -6.03 13.71
CA PRO A 282 -1.60 -6.04 12.28
C PRO A 282 -2.76 -6.35 11.37
N GLY A 283 -2.79 -5.70 10.21
CA GLY A 283 -3.83 -5.95 9.26
C GLY A 283 -3.92 -7.41 8.86
N ILE A 284 -2.77 -8.10 8.70
CA ILE A 284 -2.78 -9.48 8.32
C ILE A 284 -3.50 -10.39 9.35
N GLU A 285 -3.53 -9.94 10.61
CA GLU A 285 -4.25 -10.72 11.63
C GLU A 285 -5.78 -10.51 11.56
N MET A 286 -6.24 -9.46 10.93
CA MET A 286 -7.67 -9.16 10.76
C MET A 286 -8.20 -9.56 9.42
N LEU A 287 -7.30 -9.85 8.46
CA LEU A 287 -7.71 -9.95 7.08
C LEU A 287 -8.70 -11.03 6.79
N GLY A 288 -8.50 -12.25 7.33
CA GLY A 288 -9.38 -13.37 7.01
C GLY A 288 -10.81 -13.06 7.54
N GLU A 289 -10.92 -12.54 8.75
N GLU A 289 -10.89 -12.53 8.74
CA GLU A 289 -12.22 -12.14 9.31
CA GLU A 289 -12.17 -12.15 9.31
C GLU A 289 -12.92 -11.09 8.47
C GLU A 289 -12.90 -11.09 8.51
N ILE A 290 -12.13 -10.09 8.04
CA ILE A 290 -12.67 -9.04 7.23
C ILE A 290 -13.15 -9.49 5.86
N VAL A 291 -12.34 -10.36 5.24
CA VAL A 291 -12.73 -10.90 3.92
C VAL A 291 -14.04 -11.68 4.04
N ALA A 292 -14.19 -12.45 5.10
CA ALA A 292 -15.43 -13.17 5.29
C ALA A 292 -16.61 -12.24 5.52
N ALA A 293 -16.40 -11.19 6.28
CA ALA A 293 -17.49 -10.25 6.58
C ALA A 293 -17.98 -9.45 5.37
N VAL A 294 -17.09 -9.07 4.49
N VAL A 294 -17.03 -9.13 4.52
CA VAL A 294 -17.53 -8.27 3.33
CA VAL A 294 -17.22 -8.30 3.32
C VAL A 294 -18.12 -9.13 2.23
C VAL A 294 -18.02 -9.03 2.23
N SER A 295 -17.71 -10.40 2.21
N SER A 295 -17.94 -10.37 2.24
CA SER A 295 -18.28 -11.38 1.32
CA SER A 295 -18.69 -11.23 1.31
C SER A 295 -18.47 -10.85 -0.10
C SER A 295 -18.57 -10.74 -0.15
N GLY A 296 -17.36 -10.42 -0.61
CA GLY A 296 -17.23 -9.92 -1.97
C GLY A 296 -17.78 -8.55 -2.31
N GLY A 297 -18.22 -7.81 -1.30
CA GLY A 297 -18.81 -6.49 -1.45
C GLY A 297 -17.86 -5.35 -1.87
N CYS A 298 -16.57 -5.55 -1.66
CA CYS A 298 -15.55 -4.60 -2.15
C CYS A 298 -14.22 -5.38 -2.21
N GLU A 299 -13.24 -4.77 -2.87
CA GLU A 299 -11.89 -5.35 -2.89
C GLU A 299 -11.31 -5.15 -1.53
N VAL A 300 -10.55 -6.15 -1.07
CA VAL A 300 -9.91 -6.08 0.22
C VAL A 300 -8.41 -6.25 0.07
N LEU A 301 -7.68 -5.11 0.20
CA LEU A 301 -6.26 -5.09 0.14
C LEU A 301 -5.67 -5.16 1.56
N VAL A 302 -4.39 -5.45 1.64
CA VAL A 302 -3.68 -5.47 2.93
C VAL A 302 -2.30 -4.89 2.76
N ASP A 303 -1.77 -4.30 3.82
CA ASP A 303 -0.37 -3.94 3.83
C ASP A 303 0.26 -4.12 5.16
N GLY A 304 1.54 -3.85 5.24
CA GLY A 304 2.31 -3.96 6.44
C GLY A 304 3.26 -5.13 6.43
N GLY A 305 4.53 -4.85 6.17
CA GLY A 305 5.55 -5.91 6.21
C GLY A 305 5.74 -6.83 5.05
N ILE A 306 5.06 -6.59 3.92
CA ILE A 306 5.17 -7.47 2.79
C ILE A 306 6.63 -7.27 2.24
N ARG A 307 7.39 -8.35 2.25
CA ARG A 307 8.86 -8.25 1.94
C ARG A 307 9.30 -9.31 0.94
N SER A 308 8.39 -10.01 0.30
CA SER A 308 8.71 -11.05 -0.65
C SER A 308 7.49 -11.51 -1.39
N GLY A 309 7.74 -12.24 -2.45
CA GLY A 309 6.62 -12.90 -3.18
C GLY A 309 5.92 -13.93 -2.33
N GLY A 310 6.63 -14.61 -1.44
CA GLY A 310 6.01 -15.54 -0.53
C GLY A 310 5.02 -14.79 0.38
N ASP A 311 5.40 -13.60 0.87
CA ASP A 311 4.48 -12.78 1.69
C ASP A 311 3.23 -12.41 0.91
N VAL A 312 3.38 -12.06 -0.36
CA VAL A 312 2.23 -11.78 -1.24
C VAL A 312 1.35 -12.99 -1.30
N LEU A 313 1.97 -14.15 -1.49
CA LEU A 313 1.19 -15.39 -1.54
C LEU A 313 0.41 -15.62 -0.23
N LYS A 314 1.06 -15.36 0.90
CA LYS A 314 0.35 -15.52 2.21
C LYS A 314 -0.85 -14.61 2.27
N ALA A 315 -0.66 -13.34 1.91
CA ALA A 315 -1.78 -12.38 1.95
C ALA A 315 -2.91 -12.81 1.05
N THR A 316 -2.62 -13.30 -0.17
CA THR A 316 -3.60 -13.79 -1.10
C THR A 316 -4.34 -14.98 -0.50
N ALA A 317 -3.58 -15.89 0.07
CA ALA A 317 -4.19 -17.10 0.62
C ALA A 317 -5.14 -16.77 1.80
N LEU A 318 -4.82 -15.69 2.51
CA LEU A 318 -5.73 -15.17 3.59
C LEU A 318 -6.90 -14.41 3.04
N GLY A 319 -6.95 -14.15 1.74
CA GLY A 319 -8.10 -13.57 1.07
C GLY A 319 -7.93 -12.19 0.47
N ALA A 320 -6.74 -11.63 0.55
CA ALA A 320 -6.49 -10.29 -0.02
C ALA A 320 -6.63 -10.30 -1.56
N SER A 321 -7.23 -9.26 -2.09
CA SER A 321 -7.29 -9.00 -3.53
C SER A 321 -5.88 -8.61 -4.04
N ALA A 322 -5.15 -7.86 -3.24
CA ALA A 322 -3.83 -7.36 -3.55
C ALA A 322 -3.20 -6.79 -2.31
N VAL A 323 -1.91 -6.49 -2.41
CA VAL A 323 -1.20 -5.89 -1.31
C VAL A 323 -0.67 -4.51 -1.68
N LEU A 324 -0.34 -3.74 -0.67
CA LEU A 324 0.54 -2.56 -0.88
C LEU A 324 1.87 -2.85 -0.33
N VAL A 325 2.90 -2.25 -0.94
CA VAL A 325 4.28 -2.36 -0.46
C VAL A 325 4.85 -0.91 -0.29
N GLY A 326 5.37 -0.60 0.88
CA GLY A 326 5.84 0.75 1.21
C GLY A 326 7.33 0.83 1.33
N ARG A 327 7.83 0.53 2.53
CA ARG A 327 9.28 0.70 2.81
C ARG A 327 10.25 0.10 1.75
N PRO A 328 10.03 -1.14 1.28
CA PRO A 328 10.97 -1.77 0.30
C PRO A 328 11.12 -0.90 -0.94
N VAL A 329 10.04 -0.26 -1.39
CA VAL A 329 10.08 0.53 -2.63
C VAL A 329 11.01 1.73 -2.37
N MET A 330 10.94 2.30 -1.20
CA MET A 330 11.75 3.43 -0.83
C MET A 330 13.21 3.01 -0.66
N TRP A 331 13.47 1.79 -0.16
CA TRP A 331 14.86 1.31 -0.04
C TRP A 331 15.44 1.25 -1.46
N ALA A 332 14.68 0.72 -2.42
CA ALA A 332 15.15 0.57 -3.77
C ALA A 332 15.38 1.95 -4.41
N LEU A 333 14.45 2.89 -4.18
CA LEU A 333 14.60 4.25 -4.68
C LEU A 333 15.87 4.88 -4.11
N ALA A 334 16.10 4.75 -2.81
CA ALA A 334 17.27 5.35 -2.15
C ALA A 334 18.56 4.74 -2.75
N ALA A 335 18.54 3.43 -2.96
CA ALA A 335 19.73 2.74 -3.35
C ALA A 335 20.11 3.00 -4.77
N ALA A 336 19.14 3.10 -5.69
CA ALA A 336 19.45 3.11 -7.15
C ALA A 336 18.44 3.79 -8.02
N GLY A 337 17.62 4.66 -7.44
CA GLY A 337 16.70 5.48 -8.18
C GLY A 337 15.69 4.71 -8.98
N GLN A 338 15.33 5.19 -10.14
CA GLN A 338 14.38 4.45 -10.98
C GLN A 338 14.79 3.05 -11.26
N ASP A 339 16.04 2.81 -11.67
CA ASP A 339 16.51 1.45 -11.92
CA ASP A 339 16.39 1.44 -11.99
C ASP A 339 16.37 0.52 -10.73
N GLY A 340 16.66 1.05 -9.55
CA GLY A 340 16.51 0.35 -8.28
C GLY A 340 15.08 -0.13 -8.07
N VAL A 341 14.14 0.76 -8.25
CA VAL A 341 12.71 0.38 -8.10
C VAL A 341 12.31 -0.64 -9.16
N ARG A 342 12.72 -0.45 -10.43
CA ARG A 342 12.49 -1.46 -11.44
C ARG A 342 13.03 -2.85 -11.07
N GLN A 343 14.24 -2.91 -10.54
CA GLN A 343 14.84 -4.19 -10.16
C GLN A 343 14.04 -4.84 -9.00
N LEU A 344 13.63 -3.99 -8.07
CA LEU A 344 12.79 -4.50 -6.94
C LEU A 344 11.53 -5.08 -7.50
N LEU A 345 10.84 -4.36 -8.39
CA LEU A 345 9.57 -4.88 -8.91
C LEU A 345 9.74 -6.09 -9.75
N GLU A 346 10.87 -6.18 -10.49
CA GLU A 346 11.09 -7.43 -11.21
C GLU A 346 11.39 -8.62 -10.27
N LEU A 347 12.12 -8.41 -9.21
CA LEU A 347 12.40 -9.46 -8.24
C LEU A 347 11.05 -9.92 -7.59
N LEU A 348 10.26 -8.93 -7.17
CA LEU A 348 8.93 -9.31 -6.61
C LEU A 348 8.06 -10.06 -7.57
N ALA A 349 8.02 -9.62 -8.85
CA ALA A 349 7.31 -10.33 -9.86
C ALA A 349 7.77 -11.78 -10.01
N GLU A 350 9.07 -12.03 -10.04
N GLU A 350 9.07 -11.98 -10.00
CA GLU A 350 9.53 -13.43 -10.17
CA GLU A 350 9.66 -13.32 -10.12
C GLU A 350 9.20 -14.21 -8.89
C GLU A 350 9.22 -14.17 -8.91
N GLU A 351 9.35 -13.57 -7.75
CA GLU A 351 9.07 -14.28 -6.46
C GLU A 351 7.59 -14.64 -6.38
N VAL A 352 6.70 -13.75 -6.81
CA VAL A 352 5.26 -14.05 -6.82
C VAL A 352 4.92 -15.19 -7.75
N ARG A 353 5.44 -15.16 -9.01
N ARG A 353 5.46 -15.15 -8.98
CA ARG A 353 5.20 -16.24 -9.92
CA ARG A 353 5.20 -16.16 -9.90
C ARG A 353 5.72 -17.58 -9.39
C ARG A 353 5.73 -17.52 -9.41
N ASP A 354 6.94 -17.54 -8.85
CA ASP A 354 7.65 -18.73 -8.28
CA ASP A 354 7.49 -18.78 -8.41
C ASP A 354 6.75 -19.34 -7.20
N ALA A 355 6.42 -18.49 -6.24
CA ALA A 355 5.57 -18.96 -5.09
C ALA A 355 4.27 -19.49 -5.51
N MET A 356 3.57 -18.79 -6.43
CA MET A 356 2.31 -19.30 -6.95
C MET A 356 2.41 -20.68 -7.56
N GLY A 357 3.40 -20.85 -8.44
CA GLY A 357 3.48 -22.13 -9.07
C GLY A 357 3.90 -23.24 -8.13
N LEU A 358 4.85 -22.99 -7.24
CA LEU A 358 5.21 -23.92 -6.22
C LEU A 358 4.02 -24.35 -5.40
N ALA A 359 3.05 -23.42 -5.24
CA ALA A 359 1.84 -23.71 -4.48
C ALA A 359 0.65 -24.25 -5.31
N GLY A 360 0.88 -24.53 -6.60
CA GLY A 360 -0.08 -25.10 -7.50
C GLY A 360 -1.16 -24.14 -8.00
N CYS A 361 -0.82 -22.86 -8.09
CA CYS A 361 -1.79 -21.87 -8.50
C CYS A 361 -1.44 -21.24 -9.82
N GLU A 362 -2.31 -21.39 -10.75
CA GLU A 362 -2.08 -20.83 -12.08
C GLU A 362 -2.61 -19.39 -12.18
N SER A 363 -3.33 -18.93 -11.16
CA SER A 363 -3.88 -17.60 -11.12
C SER A 363 -4.01 -17.13 -9.71
N VAL A 364 -4.12 -15.82 -9.54
CA VAL A 364 -4.30 -15.24 -8.20
C VAL A 364 -5.60 -15.76 -7.52
N GLY A 365 -6.67 -15.91 -8.30
CA GLY A 365 -7.89 -16.51 -7.80
C GLY A 365 -7.65 -17.81 -7.11
N ALA A 366 -6.88 -18.69 -7.77
CA ALA A 366 -6.52 -19.95 -7.16
C ALA A 366 -5.74 -19.79 -5.88
N ALA A 367 -4.81 -18.81 -5.87
CA ALA A 367 -4.06 -18.53 -4.64
C ALA A 367 -4.98 -18.12 -3.47
N ARG A 368 -6.06 -17.43 -3.77
CA ARG A 368 -6.99 -17.04 -2.74
C ARG A 368 -7.68 -18.22 -2.13
N ARG A 369 -7.79 -19.32 -2.87
CA ARG A 369 -8.41 -20.52 -2.34
C ARG A 369 -7.45 -21.47 -1.58
N LEU A 370 -6.17 -21.13 -1.54
CA LEU A 370 -5.23 -21.85 -0.68
C LEU A 370 -5.61 -21.79 0.75
N ASN A 371 -5.37 -22.87 1.50
CA ASN A 371 -5.48 -22.83 2.94
C ASN A 371 -4.12 -22.54 3.62
N THR A 372 -4.20 -22.12 4.84
CA THR A 372 -3.04 -21.74 5.67
C THR A 372 -3.14 -22.39 7.02
N LYS A 373 -2.00 -22.43 7.68
CA LYS A 373 -1.93 -22.90 9.10
C LYS A 373 -1.10 -21.92 9.87
N LEU A 374 -1.51 -21.55 11.09
CA LEU A 374 -0.71 -20.61 11.91
C LEU A 374 0.24 -21.37 12.77
N GLY A 375 1.51 -20.98 12.76
CA GLY A 375 2.61 -21.74 13.37
C GLY A 375 3.17 -21.03 14.58
N1 FMN B . 0.21 6.20 4.25
C2 FMN B . -0.65 7.03 3.77
O2 FMN B . -1.85 6.77 3.66
N3 FMN B . -0.25 8.32 3.37
C4 FMN B . 1.00 8.74 3.57
O4 FMN B . 1.36 9.95 3.20
C4A FMN B . 1.99 7.85 4.08
N5 FMN B . 3.30 8.21 4.23
C5A FMN B . 4.22 7.34 4.68
C6 FMN B . 5.54 7.62 4.84
C7 FMN B . 6.48 6.72 5.26
C7M FMN B . 7.93 7.16 5.35
C8 FMN B . 6.14 5.36 5.53
C8M FMN B . 7.13 4.31 5.95
C9 FMN B . 4.76 5.04 5.35
C9A FMN B . 3.81 5.91 4.97
N10 FMN B . 2.42 5.60 4.87
C10 FMN B . 1.52 6.47 4.41
C1' FMN B . 2.02 4.19 5.18
C2' FMN B . 2.13 3.28 3.95
O2' FMN B . 1.20 3.67 2.94
C3' FMN B . 1.90 1.79 4.30
O3' FMN B . 0.63 1.69 4.98
C4' FMN B . 2.98 1.23 5.13
O4' FMN B . 4.30 1.76 4.77
C5' FMN B . 2.91 -0.26 4.69
O5' FMN B . 3.83 -0.90 5.26
P FMN B . 5.29 -1.37 4.69
O1P FMN B . 6.07 -0.05 4.72
O2P FMN B . 5.69 -2.22 5.79
O3P FMN B . 5.20 -2.07 3.36
OE1 9RW C . 2.68 7.67 8.47
CD 9RW C . 3.31 8.54 7.89
OE2 9RW C . 4.54 8.81 8.08
CG 9RW C . 2.55 9.40 6.88
C3 9RW C . 1.03 9.14 6.87
CB 9RW C . 2.94 10.75 7.07
CA 9RW C . 4.29 11.07 6.86
C 9RW C . 4.81 12.35 6.99
C7 9RW C . 3.96 13.35 7.37
C8 9RW C . 2.61 13.04 7.58
C9 9RW C . 2.08 11.75 7.45
OE1 9RW D . 5.62 -22.37 13.95
CD 9RW D . 6.32 -23.27 13.39
OE2 9RW D . 7.49 -23.14 12.94
CG 9RW D . 5.71 -24.70 13.23
C3 9RW D . 5.94 -25.52 14.56
CB 9RW D . 4.30 -24.68 12.85
CA 9RW D . 3.94 -24.35 11.49
C 9RW D . 2.55 -24.34 11.13
C7 9RW D . 1.52 -24.68 12.07
C8 9RW D . 1.88 -25.03 13.40
C9 9RW D . 3.25 -25.02 13.78
#